data_4GF0
#
_entry.id   4GF0
#
_cell.length_a   95.844
_cell.length_b   95.844
_cell.length_c   94.911
_cell.angle_alpha   90.000
_cell.angle_beta   90.000
_cell.angle_gamma   90.000
#
_symmetry.space_group_name_H-M   'P 41 21 2'
#
loop_
_entity.id
_entity.type
_entity.pdbx_description
1 polymer 'Glutathione S-transferase'
2 non-polymer 'CHLORIDE ION'
3 non-polymer GLUTATHIONE
4 water water
#
_entity_poly.entity_id   1
_entity_poly.type   'polypeptide(L)'
_entity_poly.pdbx_seq_one_letter_code
;MVMLTLYFTPGTISVAVAIAIEEAALPYQPVRVDFATAEQTKPDYLAINPKGRVPALRLEDDTILTETGALLDYVAAIAP
KAGLVPTDPTAAAQMRSAMYYLASTMHVAHAHKMRGSRWAKQQSSFEDMTAQVPETMAACADFVESDILRGPYVLGEDFS
LADPYLFVVCNWLDGDGVDTAAYPKITTFMQQMTARASVAAVKDKGMLAENLYFQ
;
_entity_poly.pdbx_strand_id   A,B
#
# COMPACT_ATOMS: atom_id res chain seq x y z
N MET A 1 -7.78 21.75 15.88
CA MET A 1 -7.26 20.82 16.88
C MET A 1 -5.76 21.00 16.98
N VAL A 2 -5.23 21.03 18.21
CA VAL A 2 -3.79 21.23 18.39
C VAL A 2 -3.00 20.02 17.93
N MET A 3 -3.53 18.83 18.21
CA MET A 3 -2.78 17.60 17.98
C MET A 3 -3.46 16.68 16.99
N LEU A 4 -2.66 15.79 16.43
CA LEU A 4 -3.13 14.71 15.58
C LEU A 4 -3.93 13.72 16.41
N THR A 5 -4.95 13.13 15.82
CA THR A 5 -5.71 12.08 16.47
C THR A 5 -5.57 10.81 15.65
N LEU A 6 -5.14 9.72 16.29
CA LEU A 6 -4.93 8.47 15.59
C LEU A 6 -5.95 7.47 16.04
N TYR A 7 -6.75 6.95 15.11
CA TYR A 7 -7.66 5.86 15.42
C TYR A 7 -6.91 4.56 15.22
N PHE A 8 -6.89 3.72 16.26
CA PHE A 8 -6.05 2.53 16.25
C PHE A 8 -6.74 1.42 17.01
N THR A 9 -6.18 0.21 16.88
CA THR A 9 -6.65 -0.93 17.64
C THR A 9 -5.39 -1.68 18.06
N PRO A 10 -5.31 -2.10 19.33
CA PRO A 10 -4.07 -2.75 19.77
C PRO A 10 -3.77 -3.97 18.90
N GLY A 11 -2.50 -4.20 18.58
CA GLY A 11 -2.10 -5.39 17.85
C GLY A 11 -2.32 -5.30 16.36
N THR A 12 -2.82 -4.17 15.88
CA THR A 12 -3.08 -4.01 14.45
C THR A 12 -2.03 -3.14 13.78
N ILE A 13 -2.14 -3.02 12.45
CA ILE A 13 -1.17 -2.26 11.67
C ILE A 13 -1.18 -0.77 12.01
N SER A 14 -2.28 -0.28 12.58
CA SER A 14 -2.36 1.12 13.02
C SER A 14 -1.25 1.48 13.99
N VAL A 15 -0.74 0.48 14.71
CA VAL A 15 0.31 0.74 15.69
C VAL A 15 1.60 1.24 15.03
N ALA A 16 1.81 0.86 13.76
CA ALA A 16 2.98 1.34 13.03
C ALA A 16 2.97 2.86 12.95
N VAL A 17 1.80 3.44 12.78
CA VAL A 17 1.71 4.89 12.66
C VAL A 17 2.01 5.52 14.02
N ALA A 18 1.50 4.91 15.09
CA ALA A 18 1.78 5.44 16.43
C ALA A 18 3.28 5.44 16.71
N ILE A 19 3.95 4.36 16.33
CA ILE A 19 5.38 4.27 16.51
C ILE A 19 6.09 5.40 15.77
N ALA A 20 5.68 5.68 14.54
CA ALA A 20 6.29 6.75 13.78
C ALA A 20 6.05 8.12 14.42
N ILE A 21 4.85 8.34 14.95
CA ILE A 21 4.55 9.61 15.59
C ILE A 21 5.43 9.78 16.83
N GLU A 22 5.64 8.69 17.56
CA GLU A 22 6.54 8.73 18.72
C GLU A 22 7.98 9.06 18.29
N GLU A 23 8.43 8.46 17.19
CA GLU A 23 9.78 8.72 16.69
C GLU A 23 9.91 10.18 16.31
N ALA A 24 8.82 10.76 15.82
CA ALA A 24 8.79 12.16 15.38
C ALA A 24 8.72 13.14 16.55
N ALA A 25 8.55 12.60 17.75
CA ALA A 25 8.40 13.39 18.97
C ALA A 25 7.22 14.36 18.90
N LEU A 26 6.13 13.92 18.28
CA LEU A 26 4.95 14.77 18.17
C LEU A 26 3.92 14.35 19.21
N PRO A 27 3.18 15.33 19.76
CA PRO A 27 2.08 14.93 20.63
C PRO A 27 0.92 14.44 19.77
N TYR A 28 0.17 13.47 20.25
CA TYR A 28 -0.99 12.99 19.52
C TYR A 28 -1.96 12.38 20.50
N GLN A 29 -3.18 12.20 20.01
CA GLN A 29 -4.27 11.66 20.80
C GLN A 29 -4.68 10.33 20.18
N PRO A 30 -4.41 9.23 20.88
CA PRO A 30 -4.84 7.90 20.39
C PRO A 30 -6.30 7.62 20.74
N VAL A 31 -7.07 7.12 19.78
CA VAL A 31 -8.44 6.71 20.03
C VAL A 31 -8.58 5.24 19.70
N ARG A 32 -8.95 4.45 20.70
CA ARG A 32 -9.06 3.00 20.48
C ARG A 32 -10.38 2.63 19.80
N VAL A 33 -10.28 1.83 18.73
CA VAL A 33 -11.45 1.33 18.04
C VAL A 33 -11.58 -0.14 18.43
N ASP A 34 -12.72 -0.49 19.03
CA ASP A 34 -12.89 -1.81 19.64
C ASP A 34 -13.44 -2.88 18.68
N PHE A 35 -12.56 -3.77 18.22
CA PHE A 35 -12.95 -4.84 17.30
C PHE A 35 -13.87 -5.87 17.97
N ALA A 36 -13.82 -5.93 19.29
CA ALA A 36 -14.59 -6.93 20.04
C ALA A 36 -16.10 -6.69 19.90
N THR A 37 -16.48 -5.46 19.58
CA THR A 37 -17.88 -5.14 19.31
C THR A 37 -18.06 -4.65 17.89
N ALA A 38 -17.06 -4.93 17.04
CA ALA A 38 -17.09 -4.53 15.64
C ALA A 38 -17.39 -3.04 15.47
N GLU A 39 -16.82 -2.22 16.36
CA GLU A 39 -17.00 -0.78 16.28
C GLU A 39 -16.56 -0.23 14.93
N GLN A 40 -15.55 -0.84 14.33
CA GLN A 40 -15.03 -0.35 13.04
C GLN A 40 -16.03 -0.55 11.90
N THR A 41 -17.05 -1.36 12.12
CA THR A 41 -18.04 -1.69 11.07
C THR A 41 -19.33 -0.88 11.20
N LYS A 42 -19.40 -0.05 12.24
CA LYS A 42 -20.62 0.68 12.58
C LYS A 42 -20.63 2.11 12.04
N PRO A 43 -21.83 2.70 11.86
CA PRO A 43 -21.99 4.05 11.32
C PRO A 43 -21.06 5.14 11.89
N ASP A 44 -20.89 5.19 13.21
CA ASP A 44 -20.06 6.23 13.82
C ASP A 44 -18.62 6.21 13.29
N TYR A 45 -18.04 5.01 13.22
CA TYR A 45 -16.68 4.92 12.72
C TYR A 45 -16.64 5.01 11.19
N LEU A 46 -17.65 4.45 10.51
CA LEU A 46 -17.69 4.55 9.06
C LEU A 46 -17.78 5.99 8.56
N ALA A 47 -18.31 6.89 9.39
CA ALA A 47 -18.34 8.31 9.06
C ALA A 47 -16.93 8.89 9.09
N ILE A 48 -16.04 8.22 9.82
CA ILE A 48 -14.65 8.65 9.88
C ILE A 48 -13.86 7.99 8.76
N ASN A 49 -13.94 6.66 8.68
CA ASN A 49 -13.33 5.92 7.60
C ASN A 49 -14.32 4.95 6.99
N PRO A 50 -14.87 5.32 5.81
CA PRO A 50 -15.87 4.47 5.15
C PRO A 50 -15.37 3.06 4.83
N LYS A 51 -14.05 2.86 4.79
CA LYS A 51 -13.50 1.53 4.55
C LYS A 51 -13.58 0.63 5.79
N GLY A 52 -13.83 1.23 6.95
CA GLY A 52 -14.05 0.46 8.16
C GLY A 52 -12.77 -0.20 8.67
N ARG A 53 -11.64 0.47 8.49
CA ARG A 53 -10.35 -0.08 8.91
C ARG A 53 -9.63 0.91 9.80
N VAL A 54 -8.68 0.40 10.58
CA VAL A 54 -7.71 1.26 11.24
C VAL A 54 -6.36 1.00 10.55
N PRO A 55 -5.47 2.00 10.47
CA PRO A 55 -5.54 3.34 11.07
C PRO A 55 -6.35 4.36 10.27
N ALA A 56 -6.78 5.40 10.97
CA ALA A 56 -7.19 6.64 10.32
C ALA A 56 -6.56 7.74 11.14
N LEU A 57 -6.23 8.85 10.49
CA LEU A 57 -5.59 9.96 11.19
C LEU A 57 -6.38 11.22 10.95
N ARG A 58 -6.74 11.92 12.03
CA ARG A 58 -7.42 13.18 11.88
C ARG A 58 -6.41 14.30 12.04
N LEU A 59 -6.34 15.17 11.04
CA LEU A 59 -5.36 16.26 11.05
C LEU A 59 -5.89 17.45 11.84
N GLU A 60 -5.05 18.46 12.02
CA GLU A 60 -5.42 19.63 12.80
C GLU A 60 -6.61 20.37 12.22
N ASP A 61 -6.81 20.24 10.91
CA ASP A 61 -7.95 20.91 10.26
C ASP A 61 -9.14 19.98 10.03
N ASP A 62 -9.11 18.83 10.69
CA ASP A 62 -10.20 17.83 10.70
C ASP A 62 -10.23 16.92 9.46
N THR A 63 -9.30 17.10 8.55
CA THR A 63 -9.15 16.17 7.42
C THR A 63 -8.83 14.78 7.96
N ILE A 64 -9.47 13.74 7.41
CA ILE A 64 -9.15 12.36 7.76
C ILE A 64 -8.29 11.74 6.68
N LEU A 65 -7.16 11.15 7.07
CA LEU A 65 -6.32 10.38 6.17
C LEU A 65 -6.39 8.90 6.51
N THR A 66 -6.29 8.06 5.49
CA THR A 66 -6.25 6.61 5.69
C THR A 66 -5.10 6.00 4.92
N GLU A 67 -4.85 4.71 5.21
CA GLU A 67 -3.81 3.84 4.63
C GLU A 67 -2.46 4.02 5.32
N THR A 68 -2.05 2.98 6.02
CA THR A 68 -0.85 3.03 6.84
C THR A 68 0.34 3.68 6.12
N GLY A 69 0.65 3.24 4.91
CA GLY A 69 1.83 3.75 4.22
C GLY A 69 1.74 5.24 3.96
N ALA A 70 0.54 5.71 3.63
CA ALA A 70 0.32 7.13 3.38
C ALA A 70 0.48 7.93 4.66
N LEU A 71 -0.02 7.39 5.76
CA LEU A 71 0.10 8.07 7.07
C LEU A 71 1.54 8.14 7.52
N LEU A 72 2.31 7.08 7.25
CA LEU A 72 3.73 7.09 7.61
C LEU A 72 4.48 8.18 6.84
N ASP A 73 4.28 8.25 5.53
CA ASP A 73 4.90 9.33 4.76
C ASP A 73 4.43 10.71 5.22
N TYR A 74 3.16 10.82 5.63
CA TYR A 74 2.67 12.09 6.15
C TYR A 74 3.41 12.52 7.43
N VAL A 75 3.57 11.59 8.37
CA VAL A 75 4.29 11.88 9.60
C VAL A 75 5.71 12.34 9.31
N ALA A 76 6.38 11.68 8.38
CA ALA A 76 7.73 12.08 8.01
C ALA A 76 7.73 13.49 7.42
N ALA A 77 6.70 13.80 6.65
CA ALA A 77 6.63 15.08 5.95
C ALA A 77 6.43 16.24 6.91
N ILE A 78 5.70 15.98 8.00
CA ILE A 78 5.48 17.04 9.00
C ILE A 78 6.51 17.06 10.12
N ALA A 79 7.39 16.08 10.15
CA ALA A 79 8.48 16.04 11.12
C ALA A 79 9.82 15.69 10.47
N PRO A 80 10.30 16.55 9.57
CA PRO A 80 11.52 16.25 8.81
C PRO A 80 12.75 16.04 9.69
N LYS A 81 12.77 16.65 10.86
CA LYS A 81 13.94 16.53 11.73
C LYS A 81 14.14 15.11 12.29
N ALA A 82 13.11 14.27 12.20
CA ALA A 82 13.23 12.88 12.64
C ALA A 82 14.03 12.04 11.66
N GLY A 83 14.23 12.56 10.45
CA GLY A 83 14.99 11.84 9.42
C GLY A 83 14.41 10.47 9.07
N LEU A 84 13.08 10.37 9.06
CA LEU A 84 12.44 9.07 8.83
C LEU A 84 12.47 8.61 7.36
N VAL A 85 12.73 9.53 6.45
CA VAL A 85 12.87 9.19 5.03
C VAL A 85 14.24 9.67 4.56
N PRO A 86 15.01 8.78 3.92
CA PRO A 86 16.33 9.15 3.40
C PRO A 86 16.24 10.26 2.35
N THR A 87 17.27 11.11 2.33
N THR A 87 17.24 11.12 2.31
CA THR A 87 17.38 12.15 1.32
CA THR A 87 17.28 12.15 1.27
C THR A 87 17.64 11.57 -0.07
C THR A 87 17.62 11.55 -0.10
N ASP A 88 18.43 10.50 -0.11
CA ASP A 88 18.77 9.83 -1.36
C ASP A 88 17.54 9.11 -1.92
N PRO A 89 17.15 9.44 -3.16
CA PRO A 89 15.97 8.85 -3.78
C PRO A 89 16.02 7.34 -3.88
N THR A 90 17.20 6.75 -4.12
CA THR A 90 17.30 5.31 -4.25
C THR A 90 16.98 4.64 -2.92
N ALA A 91 17.58 5.14 -1.85
CA ALA A 91 17.32 4.59 -0.52
C ALA A 91 15.85 4.78 -0.12
N ALA A 92 15.30 5.95 -0.39
CA ALA A 92 13.87 6.18 -0.10
C ALA A 92 12.99 5.21 -0.89
N ALA A 93 13.39 4.89 -2.11
CA ALA A 93 12.62 3.97 -2.94
C ALA A 93 12.71 2.55 -2.37
N GLN A 94 13.85 2.20 -1.79
CA GLN A 94 13.99 0.89 -1.18
C GLN A 94 13.15 0.81 0.08
N MET A 95 13.07 1.92 0.80
CA MET A 95 12.20 2.05 1.97
C MET A 95 10.75 1.85 1.53
N ARG A 96 10.35 2.53 0.47
CA ARG A 96 8.95 2.44 0.02
C ARG A 96 8.63 1.09 -0.61
N SER A 97 9.62 0.45 -1.21
CA SER A 97 9.41 -0.89 -1.76
C SER A 97 9.03 -1.82 -0.64
N ALA A 98 9.73 -1.69 0.49
CA ALA A 98 9.42 -2.53 1.64
C ALA A 98 8.00 -2.24 2.11
N MET A 99 7.64 -0.97 2.16
CA MET A 99 6.31 -0.58 2.63
C MET A 99 5.20 -1.09 1.72
N TYR A 100 5.36 -0.94 0.41
CA TYR A 100 4.33 -1.44 -0.50
C TYR A 100 4.26 -2.95 -0.51
N TYR A 101 5.40 -3.62 -0.32
CA TYR A 101 5.40 -5.08 -0.20
C TYR A 101 4.56 -5.51 1.00
N LEU A 102 4.75 -4.82 2.12
CA LEU A 102 3.97 -5.12 3.32
C LEU A 102 2.48 -4.85 3.06
N ALA A 103 2.17 -3.73 2.42
CA ALA A 103 0.78 -3.35 2.15
C ALA A 103 0.06 -4.29 1.19
N SER A 104 0.77 -4.77 0.18
CA SER A 104 0.15 -5.51 -0.94
C SER A 104 0.27 -7.02 -0.81
N THR A 105 1.25 -7.48 -0.04
CA THR A 105 1.57 -8.91 -0.01
C THR A 105 1.54 -9.49 1.40
N MET A 106 2.36 -8.96 2.30
CA MET A 106 2.49 -9.62 3.60
C MET A 106 1.29 -9.38 4.50
N HIS A 107 0.81 -8.14 4.58
CA HIS A 107 -0.39 -7.87 5.37
C HIS A 107 -1.55 -8.62 4.73
N VAL A 108 -1.58 -8.62 3.40
CA VAL A 108 -2.65 -9.30 2.67
C VAL A 108 -2.68 -10.80 2.97
N ALA A 109 -1.51 -11.44 3.04
CA ALA A 109 -1.44 -12.85 3.43
C ALA A 109 -2.00 -13.06 4.84
N HIS A 110 -1.62 -12.18 5.76
CA HIS A 110 -2.10 -12.27 7.13
C HIS A 110 -3.63 -12.10 7.20
N ALA A 111 -4.15 -11.23 6.35
CA ALA A 111 -5.57 -10.87 6.37
C ALA A 111 -6.46 -12.04 5.99
N HIS A 112 -5.89 -13.01 5.29
CA HIS A 112 -6.65 -14.20 4.89
C HIS A 112 -6.95 -15.13 6.07
N LYS A 113 -6.33 -14.87 7.21
CA LYS A 113 -6.59 -15.71 8.39
C LYS A 113 -7.98 -15.46 8.97
N MET A 114 -8.32 -14.20 9.16
CA MET A 114 -9.57 -13.81 9.83
C MET A 114 -10.56 -13.05 8.94
N ARG A 115 -10.10 -12.51 7.82
CA ARG A 115 -10.95 -11.69 6.97
C ARG A 115 -11.16 -12.33 5.59
N GLY A 116 -11.22 -13.66 5.58
CA GLY A 116 -11.47 -14.39 4.34
C GLY A 116 -12.75 -13.95 3.66
N SER A 117 -13.71 -13.45 4.43
CA SER A 117 -15.00 -13.02 3.88
C SER A 117 -14.89 -11.80 2.96
N ARG A 118 -13.73 -11.15 2.95
CA ARG A 118 -13.48 -10.08 1.98
C ARG A 118 -13.50 -10.59 0.53
N TRP A 119 -13.15 -11.85 0.33
CA TRP A 119 -12.93 -12.35 -1.03
C TRP A 119 -13.70 -13.63 -1.36
N ALA A 120 -14.35 -14.21 -0.36
CA ALA A 120 -15.08 -15.47 -0.52
C ALA A 120 -16.30 -15.50 0.38
N LYS A 121 -17.21 -16.43 0.12
CA LYS A 121 -18.45 -16.52 0.89
C LYS A 121 -18.61 -17.82 1.66
N GLN A 122 -17.97 -18.88 1.18
CA GLN A 122 -18.16 -20.22 1.78
C GLN A 122 -17.24 -20.52 2.94
N GLN A 123 -17.78 -21.22 3.93
CA GLN A 123 -17.05 -21.58 5.14
C GLN A 123 -15.84 -22.45 4.80
N SER A 124 -16.04 -23.37 3.87
CA SER A 124 -14.97 -24.26 3.43
C SER A 124 -13.83 -23.44 2.81
N SER A 125 -14.17 -22.36 2.09
CA SER A 125 -13.16 -21.47 1.53
C SER A 125 -12.39 -20.76 2.64
N PHE A 126 -13.10 -20.36 3.68
CA PHE A 126 -12.45 -19.68 4.80
C PHE A 126 -11.46 -20.61 5.48
N GLU A 127 -11.84 -21.89 5.64
CA GLU A 127 -11.00 -22.85 6.32
C GLU A 127 -9.74 -23.14 5.51
N ASP A 128 -9.94 -23.24 4.19
CA ASP A 128 -8.85 -23.45 3.24
C ASP A 128 -7.86 -22.29 3.36
N MET A 129 -8.36 -21.07 3.25
CA MET A 129 -7.49 -19.89 3.27
C MET A 129 -6.77 -19.74 4.60
N THR A 130 -7.49 -19.99 5.69
CA THR A 130 -6.91 -19.91 7.03
C THR A 130 -5.75 -20.90 7.18
N ALA A 131 -5.92 -22.11 6.64
CA ALA A 131 -4.91 -23.16 6.77
C ALA A 131 -3.60 -22.82 6.05
N GLN A 132 -3.66 -21.94 5.07
CA GLN A 132 -2.47 -21.62 4.27
C GLN A 132 -1.62 -20.51 4.89
N VAL A 133 -2.16 -19.81 5.87
CA VAL A 133 -1.49 -18.65 6.46
C VAL A 133 -0.09 -18.92 7.04
N PRO A 134 0.10 -20.06 7.74
CA PRO A 134 1.47 -20.30 8.21
C PRO A 134 2.45 -20.44 7.04
N GLU A 135 1.98 -20.99 5.93
CA GLU A 135 2.86 -21.15 4.77
C GLU A 135 3.06 -19.85 3.98
N THR A 136 2.00 -19.06 3.79
CA THR A 136 2.14 -17.80 3.06
C THR A 136 2.95 -16.78 3.86
N MET A 137 2.76 -16.73 5.17
CA MET A 137 3.52 -15.81 6.01
C MET A 137 4.99 -16.22 6.12
N ALA A 138 5.25 -17.53 6.11
CA ALA A 138 6.63 -18.01 6.14
C ALA A 138 7.34 -17.59 4.85
N ALA A 139 6.61 -17.69 3.74
CA ALA A 139 7.19 -17.32 2.45
C ALA A 139 7.46 -15.82 2.42
N CYS A 140 6.57 -15.04 3.03
CA CYS A 140 6.79 -13.60 3.14
C CYS A 140 8.01 -13.32 4.02
N ALA A 141 8.10 -14.04 5.14
CA ALA A 141 9.23 -13.85 6.04
C ALA A 141 10.55 -14.21 5.35
N ASP A 142 10.51 -15.25 4.51
CA ASP A 142 11.68 -15.64 3.71
C ASP A 142 12.16 -14.48 2.84
N PHE A 143 11.22 -13.83 2.17
CA PHE A 143 11.53 -12.68 1.33
C PHE A 143 12.02 -11.47 2.13
N VAL A 144 11.41 -11.21 3.28
CA VAL A 144 11.88 -10.15 4.15
C VAL A 144 13.34 -10.38 4.50
N GLU A 145 13.64 -11.60 4.93
CA GLU A 145 14.96 -11.97 5.40
C GLU A 145 16.01 -11.86 4.28
N SER A 146 15.63 -12.23 3.07
CA SER A 146 16.59 -12.30 1.97
C SER A 146 16.67 -11.03 1.13
N ASP A 147 15.58 -10.27 1.09
CA ASP A 147 15.46 -9.19 0.09
C ASP A 147 14.99 -7.84 0.59
N ILE A 148 14.61 -7.75 1.86
CA ILE A 148 14.15 -6.47 2.38
C ILE A 148 15.06 -5.96 3.50
N LEU A 149 15.31 -6.82 4.48
CA LEU A 149 16.05 -6.41 5.67
C LEU A 149 17.56 -6.42 5.43
N ARG A 150 18.15 -5.23 5.26
CA ARG A 150 19.59 -5.16 5.12
C ARG A 150 20.28 -5.44 6.46
N GLY A 151 19.72 -4.92 7.55
CA GLY A 151 20.21 -5.20 8.88
C GLY A 151 21.11 -4.11 9.42
N PRO A 152 20.88 -3.68 10.67
CA PRO A 152 19.83 -4.19 11.58
C PRO A 152 18.42 -3.75 11.18
N TYR A 153 18.31 -2.62 10.48
CA TYR A 153 17.01 -2.11 10.05
C TYR A 153 16.83 -2.34 8.58
N VAL A 154 15.69 -1.97 8.03
CA VAL A 154 15.45 -2.21 6.60
C VAL A 154 16.55 -1.63 5.70
N LEU A 155 16.92 -0.38 5.93
CA LEU A 155 17.94 0.25 5.09
C LEU A 155 19.35 0.01 5.56
N GLY A 156 19.50 -0.79 6.62
CA GLY A 156 20.82 -1.07 7.18
C GLY A 156 21.00 -0.35 8.49
N GLU A 157 22.04 0.48 8.58
CA GLU A 157 22.29 1.29 9.77
C GLU A 157 21.14 2.23 10.11
N ASP A 158 20.50 2.80 9.09
CA ASP A 158 19.53 3.87 9.30
C ASP A 158 18.09 3.40 9.44
N PHE A 159 17.48 3.77 10.56
CA PHE A 159 16.05 3.59 10.80
C PHE A 159 15.25 4.42 9.79
N SER A 160 14.08 3.93 9.40
CA SER A 160 13.23 4.65 8.45
C SER A 160 11.78 4.27 8.64
N LEU A 161 10.90 4.87 7.85
CA LEU A 161 9.49 4.51 7.89
C LEU A 161 9.21 3.03 7.67
N ALA A 162 10.09 2.32 6.97
CA ALA A 162 9.83 0.92 6.69
C ALA A 162 9.87 0.10 7.97
N ASP A 163 10.60 0.58 8.96
CA ASP A 163 10.84 -0.19 10.18
C ASP A 163 9.63 -0.35 11.11
N PRO A 164 8.90 0.75 11.42
CA PRO A 164 7.69 0.52 12.23
C PRO A 164 6.70 -0.37 11.51
N TYR A 165 6.58 -0.16 10.20
CA TYR A 165 5.70 -0.97 9.37
C TYR A 165 6.10 -2.45 9.46
N LEU A 166 7.38 -2.73 9.26
CA LEU A 166 7.84 -4.13 9.27
C LEU A 166 7.72 -4.74 10.65
N PHE A 167 8.01 -3.94 11.68
CA PHE A 167 7.92 -4.44 13.05
C PHE A 167 6.52 -4.94 13.39
N VAL A 168 5.51 -4.13 13.11
CA VAL A 168 4.15 -4.53 13.45
C VAL A 168 3.71 -5.77 12.67
N VAL A 169 4.12 -5.86 11.42
CA VAL A 169 3.79 -7.05 10.63
C VAL A 169 4.51 -8.30 11.16
N CYS A 170 5.80 -8.16 11.46
CA CYS A 170 6.55 -9.34 11.95
C CYS A 170 6.07 -9.77 13.32
N ASN A 171 5.45 -8.84 14.04
CA ASN A 171 4.88 -9.16 15.34
C ASN A 171 3.71 -10.15 15.24
N TRP A 172 3.16 -10.30 14.03
CA TRP A 172 2.08 -11.26 13.76
C TRP A 172 2.60 -12.66 13.50
N LEU A 173 3.89 -12.81 13.23
CA LEU A 173 4.41 -14.09 12.72
C LEU A 173 4.22 -15.27 13.66
N ASP A 174 4.59 -15.12 14.93
CA ASP A 174 4.44 -16.21 15.90
C ASP A 174 2.98 -16.65 15.98
N GLY A 175 2.09 -15.67 16.08
CA GLY A 175 0.66 -15.91 16.14
C GLY A 175 0.11 -16.55 14.87
N ASP A 176 0.79 -16.33 13.75
CA ASP A 176 0.36 -16.92 12.49
C ASP A 176 1.00 -18.27 12.24
N GLY A 177 1.80 -18.75 13.19
CA GLY A 177 2.41 -20.07 13.08
C GLY A 177 3.78 -20.09 12.44
N VAL A 178 4.48 -18.96 12.46
CA VAL A 178 5.85 -18.84 11.93
C VAL A 178 6.82 -18.47 13.05
N ASP A 179 7.91 -19.23 13.19
CA ASP A 179 8.91 -18.91 14.21
C ASP A 179 9.79 -17.78 13.73
N THR A 180 9.69 -16.60 14.35
CA THR A 180 10.57 -15.49 13.97
C THR A 180 12.04 -15.86 14.21
N ALA A 181 12.26 -16.69 15.22
CA ALA A 181 13.59 -17.18 15.57
C ALA A 181 14.30 -17.90 14.43
N ALA A 182 13.53 -18.40 13.46
CA ALA A 182 14.13 -19.09 12.33
C ALA A 182 14.78 -18.09 11.36
N TYR A 183 14.58 -16.81 11.61
CA TYR A 183 15.09 -15.75 10.74
C TYR A 183 16.01 -14.83 11.50
N PRO A 184 17.34 -15.03 11.37
CA PRO A 184 18.28 -14.29 12.21
C PRO A 184 18.19 -12.77 12.06
N LYS A 185 18.07 -12.26 10.84
CA LYS A 185 18.01 -10.81 10.66
C LYS A 185 16.70 -10.22 11.19
N ILE A 186 15.59 -10.94 10.99
CA ILE A 186 14.32 -10.51 11.55
C ILE A 186 14.41 -10.50 13.07
N THR A 187 15.07 -11.51 13.62
CA THR A 187 15.23 -11.61 15.07
C THR A 187 16.01 -10.42 15.62
N THR A 188 17.14 -10.10 14.99
CA THR A 188 17.94 -8.96 15.42
C THR A 188 17.14 -7.68 15.26
N PHE A 189 16.40 -7.57 14.16
CA PHE A 189 15.56 -6.41 13.89
C PHE A 189 14.52 -6.20 14.99
N MET A 190 13.83 -7.28 15.38
CA MET A 190 12.81 -7.19 16.42
C MET A 190 13.44 -6.79 17.75
N GLN A 191 14.64 -7.28 18.02
CA GLN A 191 15.32 -6.90 19.26
C GLN A 191 15.71 -5.42 19.30
N GLN A 192 16.13 -4.88 18.16
CA GLN A 192 16.46 -3.46 18.11
C GLN A 192 15.20 -2.63 18.27
N MET A 193 14.14 -3.03 17.58
CA MET A 193 12.87 -2.30 17.62
C MET A 193 12.29 -2.26 19.04
N THR A 194 12.29 -3.43 19.67
N THR A 194 12.28 -3.42 19.70
CA THR A 194 11.75 -3.58 21.03
CA THR A 194 11.70 -3.50 21.04
C THR A 194 12.45 -2.65 22.03
C THR A 194 12.45 -2.61 22.04
N ALA A 195 13.72 -2.35 21.75
CA ALA A 195 14.54 -1.53 22.64
C ALA A 195 14.39 -0.04 22.38
N ARG A 196 13.70 0.34 21.31
CA ARG A 196 13.55 1.75 20.95
C ARG A 196 12.53 2.46 21.83
N ALA A 197 12.78 3.74 22.07
CA ALA A 197 11.86 4.53 22.91
C ALA A 197 10.44 4.57 22.35
N SER A 198 10.31 4.66 21.03
CA SER A 198 9.00 4.76 20.40
C SER A 198 8.15 3.53 20.68
N VAL A 199 8.78 2.37 20.63
CA VAL A 199 8.06 1.11 20.82
C VAL A 199 7.70 0.92 22.28
N ALA A 200 8.61 1.28 23.18
CA ALA A 200 8.29 1.27 24.61
C ALA A 200 7.11 2.19 24.91
N ALA A 201 7.05 3.33 24.22
CA ALA A 201 5.98 4.30 24.42
C ALA A 201 4.61 3.75 24.01
N VAL A 202 4.53 3.07 22.87
CA VAL A 202 3.23 2.56 22.44
C VAL A 202 2.79 1.37 23.29
N LYS A 203 3.74 0.58 23.78
CA LYS A 203 3.42 -0.50 24.72
C LYS A 203 2.83 0.09 25.99
N ASP A 204 3.42 1.18 26.47
CA ASP A 204 2.96 1.84 27.69
C ASP A 204 1.55 2.38 27.50
N LYS A 205 1.18 2.65 26.25
CA LYS A 205 -0.14 3.19 25.93
C LYS A 205 -1.13 2.07 25.63
N GLY A 206 -0.70 0.82 25.83
CA GLY A 206 -1.55 -0.34 25.67
C GLY A 206 -1.80 -0.75 24.22
N MET A 207 -0.86 -0.47 23.34
CA MET A 207 -1.08 -0.72 21.90
C MET A 207 -0.51 -2.04 21.41
N LEU A 208 0.37 -2.64 22.20
CA LEU A 208 0.95 -3.93 21.82
C LEU A 208 0.75 -4.98 22.91
N LEU B 4 17.68 4.40 -17.08
CA LEU B 4 16.60 3.59 -16.52
C LEU B 4 16.17 2.48 -17.47
N THR B 5 16.07 1.27 -16.93
CA THR B 5 15.52 0.15 -17.67
C THR B 5 14.29 -0.36 -16.91
N LEU B 6 13.14 -0.40 -17.57
CA LEU B 6 11.91 -0.84 -16.93
C LEU B 6 11.44 -2.20 -17.45
N TYR B 7 11.35 -3.16 -16.53
CA TYR B 7 10.77 -4.46 -16.84
C TYR B 7 9.26 -4.43 -16.61
N PHE B 8 8.52 -4.71 -17.67
CA PHE B 8 7.07 -4.62 -17.63
C PHE B 8 6.46 -5.79 -18.39
N THR B 9 5.15 -5.92 -18.25
CA THR B 9 4.38 -6.88 -19.01
C THR B 9 3.13 -6.15 -19.47
N PRO B 10 2.78 -6.26 -20.76
CA PRO B 10 1.64 -5.52 -21.29
C PRO B 10 0.37 -5.83 -20.50
N GLY B 11 -0.44 -4.82 -20.23
CA GLY B 11 -1.70 -5.03 -19.55
C GLY B 11 -1.61 -5.30 -18.05
N THR B 12 -0.43 -5.09 -17.47
CA THR B 12 -0.25 -5.26 -16.03
C THR B 12 0.04 -3.93 -15.38
N ILE B 13 0.12 -3.93 -14.06
CA ILE B 13 0.29 -2.72 -13.27
C ILE B 13 1.65 -2.04 -13.54
N SER B 14 2.60 -2.81 -14.06
CA SER B 14 3.91 -2.27 -14.39
C SER B 14 3.83 -1.08 -15.36
N VAL B 15 2.79 -1.09 -16.19
CA VAL B 15 2.56 -0.02 -17.17
C VAL B 15 2.36 1.36 -16.52
N ALA B 16 1.86 1.39 -15.28
CA ALA B 16 1.67 2.65 -14.56
C ALA B 16 3.00 3.36 -14.35
N VAL B 17 4.07 2.58 -14.16
CA VAL B 17 5.40 3.16 -13.98
C VAL B 17 5.87 3.78 -15.28
N ALA B 18 5.63 3.10 -16.39
CA ALA B 18 6.02 3.64 -17.69
C ALA B 18 5.28 4.94 -17.95
N ILE B 19 4.01 5.01 -17.57
CA ILE B 19 3.25 6.23 -17.78
C ILE B 19 3.89 7.37 -16.97
N ALA B 20 4.30 7.10 -15.73
CA ALA B 20 4.94 8.14 -14.92
C ALA B 20 6.27 8.60 -15.52
N ILE B 21 7.06 7.65 -15.98
CA ILE B 21 8.35 7.98 -16.60
C ILE B 21 8.13 8.89 -17.81
N GLU B 22 7.11 8.57 -18.61
CA GLU B 22 6.76 9.41 -19.77
C GLU B 22 6.38 10.81 -19.32
N GLU B 23 5.57 10.91 -18.26
CA GLU B 23 5.17 12.22 -17.74
C GLU B 23 6.39 13.02 -17.30
N ALA B 24 7.38 12.34 -16.74
CA ALA B 24 8.56 13.01 -16.19
C ALA B 24 9.56 13.35 -17.28
N ALA B 25 9.30 12.86 -18.49
CA ALA B 25 10.16 13.07 -19.66
C ALA B 25 11.55 12.49 -19.48
N LEU B 26 11.65 11.38 -18.75
CA LEU B 26 12.92 10.70 -18.54
C LEU B 26 13.12 9.65 -19.62
N PRO B 27 14.35 9.53 -20.16
CA PRO B 27 14.56 8.44 -21.11
C PRO B 27 14.60 7.10 -20.38
N TYR B 28 14.10 6.05 -21.01
CA TYR B 28 14.09 4.73 -20.39
C TYR B 28 13.99 3.65 -21.44
N GLN B 29 14.48 2.47 -21.08
CA GLN B 29 14.45 1.33 -21.97
C GLN B 29 13.45 0.31 -21.42
N PRO B 30 12.30 0.16 -22.12
CA PRO B 30 11.32 -0.85 -21.70
C PRO B 30 11.78 -2.24 -22.10
N VAL B 31 11.74 -3.18 -21.16
CA VAL B 31 12.06 -4.57 -21.45
C VAL B 31 10.87 -5.44 -21.12
N ARG B 32 10.30 -6.08 -22.13
CA ARG B 32 9.11 -6.89 -21.93
C ARG B 32 9.41 -8.24 -21.30
N VAL B 33 8.64 -8.58 -20.27
CA VAL B 33 8.76 -9.87 -19.59
C VAL B 33 7.58 -10.75 -19.92
N ARG B 53 7.67 -10.82 -10.05
CA ARG B 53 6.67 -9.87 -10.53
C ARG B 53 7.31 -8.73 -11.34
N VAL B 54 6.51 -8.10 -12.17
CA VAL B 54 6.86 -6.80 -12.72
C VAL B 54 5.95 -5.84 -11.98
N PRO B 55 6.29 -4.54 -11.92
CA PRO B 55 7.44 -3.85 -12.51
C PRO B 55 8.72 -4.03 -11.72
N ALA B 56 9.83 -3.90 -12.42
CA ALA B 56 11.13 -3.77 -11.80
C ALA B 56 11.87 -2.68 -12.56
N LEU B 57 12.58 -1.83 -11.83
CA LEU B 57 13.33 -0.73 -12.43
C LEU B 57 14.80 -0.91 -12.17
N ARG B 58 15.59 -1.05 -13.23
CA ARG B 58 17.04 -1.22 -13.11
C ARG B 58 17.72 0.15 -13.27
N LEU B 59 18.45 0.57 -12.24
CA LEU B 59 19.17 1.84 -12.31
C LEU B 59 20.55 1.65 -12.95
N GLU B 60 21.25 2.76 -13.20
CA GLU B 60 22.53 2.70 -13.88
C GLU B 60 23.61 1.98 -13.07
N ASP B 61 23.51 2.04 -11.75
CA ASP B 61 24.45 1.31 -10.88
C ASP B 61 24.00 -0.14 -10.70
N ASP B 62 23.01 -0.53 -11.49
CA ASP B 62 22.42 -1.88 -11.48
C ASP B 62 21.54 -2.20 -10.27
N THR B 63 21.26 -1.20 -9.44
CA THR B 63 20.27 -1.35 -8.38
C THR B 63 18.94 -1.73 -9.03
N ILE B 64 18.23 -2.70 -8.45
CA ILE B 64 16.90 -3.07 -8.91
C ILE B 64 15.90 -2.56 -7.88
N LEU B 65 14.91 -1.78 -8.33
CA LEU B 65 13.84 -1.32 -7.45
C LEU B 65 12.53 -2.00 -7.86
N THR B 66 11.68 -2.31 -6.89
CA THR B 66 10.42 -3.00 -7.15
C THR B 66 9.26 -2.31 -6.44
N GLU B 67 8.04 -2.75 -6.75
CA GLU B 67 6.77 -2.25 -6.22
C GLU B 67 6.33 -0.97 -6.90
N THR B 68 5.22 -1.05 -7.64
CA THR B 68 4.71 0.08 -8.41
C THR B 68 4.72 1.39 -7.64
N GLY B 69 4.12 1.41 -6.45
CA GLY B 69 3.97 2.63 -5.69
C GLY B 69 5.32 3.24 -5.33
N ALA B 70 6.30 2.40 -5.04
CA ALA B 70 7.61 2.89 -4.66
C ALA B 70 8.28 3.49 -5.90
N LEU B 71 8.10 2.82 -7.03
CA LEU B 71 8.70 3.28 -8.29
C LEU B 71 8.11 4.61 -8.75
N LEU B 72 6.81 4.79 -8.53
CA LEU B 72 6.14 6.04 -8.87
C LEU B 72 6.74 7.19 -8.07
N ASP B 73 6.91 7.00 -6.76
CA ASP B 73 7.50 8.06 -5.92
C ASP B 73 8.96 8.30 -6.32
N TYR B 74 9.66 7.24 -6.71
CA TYR B 74 11.04 7.38 -7.18
C TYR B 74 11.13 8.29 -8.40
N VAL B 75 10.24 8.08 -9.36
CA VAL B 75 10.22 8.90 -10.57
C VAL B 75 10.01 10.37 -10.20
N ALA B 76 9.07 10.64 -9.30
CA ALA B 76 8.82 12.02 -8.89
C ALA B 76 10.02 12.59 -8.13
N ALA B 77 10.71 11.74 -7.38
CA ALA B 77 11.85 12.19 -6.60
C ALA B 77 13.03 12.60 -7.49
N ILE B 78 13.21 11.92 -8.62
CA ILE B 78 14.32 12.24 -9.51
C ILE B 78 13.95 13.26 -10.57
N ALA B 79 12.66 13.57 -10.68
CA ALA B 79 12.20 14.64 -11.57
C ALA B 79 11.24 15.59 -10.86
N PRO B 80 11.75 16.34 -9.86
CA PRO B 80 10.89 17.18 -9.04
C PRO B 80 10.22 18.31 -9.81
N LYS B 81 10.82 18.74 -10.93
CA LYS B 81 10.23 19.83 -11.72
C LYS B 81 8.95 19.40 -12.44
N ALA B 82 8.73 18.10 -12.55
CA ALA B 82 7.52 17.57 -13.17
C ALA B 82 6.27 17.81 -12.32
N GLY B 83 6.47 18.07 -11.04
CA GLY B 83 5.37 18.37 -10.14
C GLY B 83 4.38 17.23 -9.94
N LEU B 84 4.87 15.99 -9.98
CA LEU B 84 3.99 14.83 -9.93
C LEU B 84 3.40 14.54 -8.55
N VAL B 85 3.99 15.14 -7.52
CA VAL B 85 3.49 15.01 -6.15
C VAL B 85 3.25 16.40 -5.61
N PRO B 86 2.09 16.63 -4.99
CA PRO B 86 1.81 17.94 -4.38
C PRO B 86 2.85 18.32 -3.36
N THR B 87 3.18 19.61 -3.25
CA THR B 87 4.10 20.04 -2.22
C THR B 87 3.40 20.09 -0.85
N ASP B 88 2.09 20.30 -0.84
CA ASP B 88 1.33 20.27 0.40
C ASP B 88 1.29 18.85 0.96
N PRO B 89 1.76 18.65 2.19
CA PRO B 89 1.82 17.25 2.68
C PRO B 89 0.45 16.61 2.80
N THR B 90 -0.60 17.39 3.05
CA THR B 90 -1.94 16.79 3.15
C THR B 90 -2.39 16.21 1.80
N ALA B 91 -2.27 17.00 0.75
CA ALA B 91 -2.67 16.56 -0.58
C ALA B 91 -1.77 15.40 -1.01
N ALA B 92 -0.49 15.46 -0.67
CA ALA B 92 0.41 14.35 -1.01
C ALA B 92 -0.01 13.04 -0.33
N ALA B 93 -0.47 13.14 0.92
CA ALA B 93 -0.96 11.99 1.68
C ALA B 93 -2.25 11.46 1.08
N GLN B 94 -3.11 12.35 0.58
CA GLN B 94 -4.33 11.92 -0.09
C GLN B 94 -4.01 11.16 -1.37
N MET B 95 -3.00 11.65 -2.08
CA MET B 95 -2.49 10.96 -3.28
C MET B 95 -1.97 9.57 -2.92
N ARG B 96 -1.14 9.50 -1.89
CA ARG B 96 -0.59 8.21 -1.49
C ARG B 96 -1.64 7.27 -0.90
N SER B 97 -2.66 7.84 -0.28
CA SER B 97 -3.73 7.01 0.27
C SER B 97 -4.40 6.26 -0.87
N ALA B 98 -4.61 6.96 -1.98
CA ALA B 98 -5.20 6.33 -3.14
C ALA B 98 -4.29 5.23 -3.67
N MET B 99 -3.00 5.50 -3.71
CA MET B 99 -2.02 4.52 -4.20
C MET B 99 -1.96 3.26 -3.31
N TYR B 100 -1.91 3.44 -2.00
CA TYR B 100 -1.91 2.28 -1.11
C TYR B 100 -3.24 1.54 -1.14
N TYR B 101 -4.33 2.26 -1.34
CA TYR B 101 -5.62 1.58 -1.47
C TYR B 101 -5.60 0.66 -2.68
N LEU B 102 -5.08 1.18 -3.79
CA LEU B 102 -4.99 0.36 -5.00
C LEU B 102 -4.08 -0.84 -4.77
N ALA B 103 -2.97 -0.62 -4.09
CA ALA B 103 -1.99 -1.69 -3.85
C ALA B 103 -2.54 -2.80 -2.93
N SER B 104 -3.29 -2.40 -1.92
CA SER B 104 -3.66 -3.29 -0.83
C SER B 104 -5.06 -3.86 -0.95
N THR B 105 -5.90 -3.19 -1.72
CA THR B 105 -7.31 -3.54 -1.74
C THR B 105 -7.82 -3.83 -3.13
N MET B 106 -7.70 -2.86 -4.02
CA MET B 106 -8.31 -3.03 -5.36
C MET B 106 -7.55 -4.00 -6.26
N HIS B 107 -6.24 -3.86 -6.33
CA HIS B 107 -5.44 -4.82 -7.12
C HIS B 107 -5.56 -6.20 -6.46
N VAL B 108 -5.58 -6.22 -5.13
CA VAL B 108 -5.73 -7.49 -4.42
C VAL B 108 -7.05 -8.19 -4.75
N ALA B 109 -8.13 -7.42 -4.79
CA ALA B 109 -9.43 -7.98 -5.14
C ALA B 109 -9.40 -8.57 -6.54
N HIS B 110 -8.80 -7.83 -7.45
CA HIS B 110 -8.65 -8.28 -8.83
C HIS B 110 -7.83 -9.57 -8.89
N ALA B 111 -6.80 -9.64 -8.06
CA ALA B 111 -5.87 -10.75 -8.07
C ALA B 111 -6.50 -12.09 -7.67
N HIS B 112 -7.63 -12.05 -6.99
CA HIS B 112 -8.29 -13.29 -6.59
C HIS B 112 -8.99 -13.96 -7.75
N LYS B 113 -9.09 -13.27 -8.89
CA LYS B 113 -9.71 -13.86 -10.08
C LYS B 113 -8.84 -14.94 -10.71
N MET B 114 -7.54 -14.69 -10.81
CA MET B 114 -6.65 -15.62 -11.49
C MET B 114 -5.45 -16.06 -10.65
N ARG B 115 -5.24 -15.40 -9.51
CA ARG B 115 -4.13 -15.73 -8.62
C ARG B 115 -4.60 -16.20 -7.24
N GLY B 116 -5.80 -16.77 -7.19
CA GLY B 116 -6.34 -17.27 -5.94
C GLY B 116 -5.45 -18.32 -5.29
N SER B 117 -4.66 -19.01 -6.10
CA SER B 117 -3.74 -20.03 -5.61
C SER B 117 -2.70 -19.46 -4.64
N ARG B 118 -2.54 -18.14 -4.61
CA ARG B 118 -1.65 -17.53 -3.64
C ARG B 118 -2.12 -17.76 -2.21
N TRP B 119 -3.43 -17.94 -2.05
CA TRP B 119 -4.00 -17.94 -0.72
C TRP B 119 -4.86 -19.15 -0.37
N ALA B 120 -5.08 -20.02 -1.34
CA ALA B 120 -5.90 -21.20 -1.10
C ALA B 120 -5.40 -22.36 -1.96
N LYS B 121 -5.83 -23.57 -1.62
CA LYS B 121 -5.41 -24.77 -2.34
C LYS B 121 -6.54 -25.53 -3.01
N GLN B 122 -7.77 -25.37 -2.51
CA GLN B 122 -8.88 -26.21 -2.98
C GLN B 122 -9.64 -25.62 -4.16
N GLN B 123 -10.00 -26.46 -5.11
CA GLN B 123 -10.65 -25.98 -6.33
C GLN B 123 -11.96 -25.28 -6.03
N SER B 124 -12.65 -25.76 -5.01
CA SER B 124 -13.90 -25.14 -4.56
C SER B 124 -13.68 -23.73 -4.02
N SER B 125 -12.52 -23.48 -3.42
CA SER B 125 -12.20 -22.13 -2.94
C SER B 125 -11.98 -21.20 -4.12
N PHE B 126 -11.36 -21.71 -5.19
CA PHE B 126 -11.10 -20.89 -6.36
C PHE B 126 -12.41 -20.47 -7.06
N GLU B 127 -13.37 -21.38 -7.11
CA GLU B 127 -14.67 -21.06 -7.71
C GLU B 127 -15.38 -19.98 -6.89
N ASP B 128 -15.36 -20.14 -5.57
CA ASP B 128 -15.88 -19.13 -4.64
C ASP B 128 -15.25 -17.76 -4.89
N MET B 129 -13.92 -17.71 -4.92
CA MET B 129 -13.21 -16.46 -5.20
C MET B 129 -13.61 -15.83 -6.53
N THR B 130 -13.61 -16.64 -7.59
CA THR B 130 -13.97 -16.19 -8.93
C THR B 130 -15.34 -15.53 -8.94
N ALA B 131 -16.29 -16.15 -8.26
CA ALA B 131 -17.67 -15.68 -8.22
C ALA B 131 -17.83 -14.34 -7.50
N GLN B 132 -16.88 -14.00 -6.63
CA GLN B 132 -16.99 -12.76 -5.87
C GLN B 132 -16.38 -11.56 -6.58
N VAL B 133 -15.51 -11.83 -7.56
CA VAL B 133 -14.73 -10.76 -8.19
C VAL B 133 -15.57 -9.61 -8.74
N PRO B 134 -16.68 -9.91 -9.44
CA PRO B 134 -17.48 -8.76 -9.91
C PRO B 134 -18.03 -7.92 -8.75
N GLU B 135 -18.34 -8.55 -7.62
CA GLU B 135 -18.83 -7.84 -6.44
C GLU B 135 -17.73 -7.05 -5.72
N THR B 136 -16.57 -7.67 -5.52
CA THR B 136 -15.48 -6.98 -4.83
C THR B 136 -14.96 -5.83 -5.69
N MET B 137 -14.82 -6.06 -6.99
CA MET B 137 -14.34 -4.98 -7.86
C MET B 137 -15.35 -3.85 -7.99
N ALA B 138 -16.64 -4.17 -7.98
CA ALA B 138 -17.66 -3.12 -8.02
C ALA B 138 -17.64 -2.28 -6.74
N ALA B 139 -17.42 -2.94 -5.61
CA ALA B 139 -17.31 -2.24 -4.33
C ALA B 139 -16.11 -1.29 -4.32
N CYS B 140 -15.01 -1.74 -4.92
CA CYS B 140 -13.83 -0.89 -5.03
C CYS B 140 -14.12 0.28 -5.96
N ALA B 141 -14.81 0.01 -7.07
CA ALA B 141 -15.17 1.07 -8.00
C ALA B 141 -16.07 2.11 -7.31
N ASP B 142 -17.01 1.64 -6.51
CA ASP B 142 -17.86 2.53 -5.72
C ASP B 142 -17.02 3.46 -4.84
N PHE B 143 -16.04 2.88 -4.14
CA PHE B 143 -15.18 3.67 -3.27
C PHE B 143 -14.32 4.65 -4.07
N VAL B 144 -13.79 4.20 -5.19
CA VAL B 144 -13.06 5.10 -6.08
C VAL B 144 -13.92 6.29 -6.49
N GLU B 145 -15.13 5.98 -6.95
CA GLU B 145 -16.06 7.00 -7.44
C GLU B 145 -16.46 8.00 -6.36
N SER B 146 -16.60 7.55 -5.12
CA SER B 146 -17.13 8.41 -4.08
C SER B 146 -16.05 9.07 -3.22
N ASP B 147 -14.93 8.39 -3.03
CA ASP B 147 -13.94 8.82 -2.02
C ASP B 147 -12.49 8.97 -2.45
N ILE B 148 -12.15 8.57 -3.67
CA ILE B 148 -10.79 8.77 -4.15
C ILE B 148 -10.75 9.82 -5.25
N LEU B 149 -11.62 9.69 -6.24
CA LEU B 149 -11.54 10.52 -7.43
C LEU B 149 -12.26 11.83 -7.19
N ARG B 150 -11.52 12.91 -6.97
CA ARG B 150 -12.16 14.22 -6.81
C ARG B 150 -12.72 14.64 -8.17
N GLY B 151 -11.94 14.39 -9.21
CA GLY B 151 -12.37 14.67 -10.58
C GLY B 151 -11.84 15.99 -11.09
N PRO B 152 -11.32 16.01 -12.34
CA PRO B 152 -11.22 14.87 -13.27
C PRO B 152 -10.17 13.86 -12.87
N TYR B 153 -9.13 14.29 -12.16
CA TYR B 153 -8.09 13.38 -11.68
C TYR B 153 -8.29 13.12 -10.19
N VAL B 154 -7.43 12.29 -9.61
CA VAL B 154 -7.57 11.94 -8.19
C VAL B 154 -7.59 13.18 -7.29
N LEU B 155 -6.66 14.08 -7.53
CA LEU B 155 -6.59 15.26 -6.68
C LEU B 155 -7.49 16.40 -7.15
N GLY B 156 -8.19 16.21 -8.26
CA GLY B 156 -9.00 17.28 -8.82
C GLY B 156 -8.51 17.68 -10.21
N GLU B 157 -8.29 18.96 -10.44
CA GLU B 157 -7.77 19.38 -11.73
C GLU B 157 -6.30 19.03 -11.94
N ASP B 158 -5.59 18.74 -10.85
CA ASP B 158 -4.17 18.50 -10.91
C ASP B 158 -3.79 17.02 -10.97
N PHE B 159 -3.06 16.66 -12.02
CA PHE B 159 -2.51 15.31 -12.22
C PHE B 159 -1.47 14.98 -11.15
N SER B 160 -1.39 13.71 -10.77
CA SER B 160 -0.43 13.27 -9.77
C SER B 160 -0.08 11.81 -9.98
N LEU B 161 0.82 11.30 -9.15
CA LEU B 161 1.23 9.90 -9.23
C LEU B 161 0.07 8.95 -9.06
N ALA B 162 -0.99 9.37 -8.39
CA ALA B 162 -2.11 8.45 -8.16
C ALA B 162 -2.82 8.11 -9.46
N ASP B 163 -2.71 8.99 -10.45
CA ASP B 163 -3.50 8.85 -11.67
C ASP B 163 -3.06 7.71 -12.61
N PRO B 164 -1.75 7.60 -12.88
CA PRO B 164 -1.36 6.42 -13.67
C PRO B 164 -1.70 5.10 -12.98
N TYR B 165 -1.59 5.07 -11.66
CA TYR B 165 -1.88 3.87 -10.89
C TYR B 165 -3.37 3.54 -11.05
N LEU B 166 -4.21 4.53 -10.79
CA LEU B 166 -5.66 4.33 -10.91
C LEU B 166 -6.08 3.94 -12.32
N PHE B 167 -5.46 4.55 -13.32
CA PHE B 167 -5.79 4.28 -14.71
C PHE B 167 -5.61 2.81 -15.09
N VAL B 168 -4.46 2.25 -14.74
CA VAL B 168 -4.18 0.86 -15.11
C VAL B 168 -5.11 -0.11 -14.37
N VAL B 169 -5.41 0.19 -13.11
CA VAL B 169 -6.29 -0.67 -12.32
C VAL B 169 -7.74 -0.58 -12.80
N CYS B 170 -8.21 0.64 -13.09
CA CYS B 170 -9.58 0.82 -13.57
C CYS B 170 -9.81 0.18 -14.94
N ASN B 171 -8.71 -0.01 -15.67
N ASN B 171 -8.71 0.00 -15.67
CA ASN B 171 -8.76 -0.65 -16.98
CA ASN B 171 -8.76 -0.65 -16.97
C ASN B 171 -9.16 -2.13 -16.90
C ASN B 171 -9.19 -2.11 -16.89
N TRP B 172 -9.12 -2.69 -15.69
CA TRP B 172 -9.51 -4.08 -15.48
C TRP B 172 -10.99 -4.25 -15.21
N LEU B 173 -11.68 -3.16 -14.90
CA LEU B 173 -13.07 -3.21 -14.43
C LEU B 173 -14.01 -3.95 -15.37
N ASP B 174 -14.01 -3.57 -16.64
CA ASP B 174 -14.86 -4.21 -17.65
C ASP B 174 -14.64 -5.73 -17.67
N GLY B 175 -13.37 -6.14 -17.74
CA GLY B 175 -13.03 -7.54 -17.78
C GLY B 175 -13.40 -8.30 -16.52
N ASP B 176 -13.48 -7.59 -15.40
CA ASP B 176 -13.81 -8.20 -14.12
C ASP B 176 -15.32 -8.21 -13.88
N GLY B 177 -16.07 -7.70 -14.85
CA GLY B 177 -17.52 -7.76 -14.79
C GLY B 177 -18.19 -6.53 -14.21
N VAL B 178 -17.46 -5.43 -14.19
CA VAL B 178 -18.00 -4.16 -13.68
C VAL B 178 -18.15 -3.19 -14.85
N ASP B 179 -19.36 -2.67 -15.03
CA ASP B 179 -19.64 -1.70 -16.10
C ASP B 179 -19.21 -0.29 -15.71
N THR B 180 -18.14 0.19 -16.32
CA THR B 180 -17.59 1.51 -16.02
C THR B 180 -18.50 2.65 -16.45
N ALA B 181 -19.36 2.38 -17.43
CA ALA B 181 -20.28 3.39 -17.94
C ALA B 181 -21.20 3.92 -16.84
N ALA B 182 -21.43 3.09 -15.83
CA ALA B 182 -22.27 3.48 -14.70
C ALA B 182 -21.50 4.29 -13.66
N TYR B 183 -20.22 4.53 -13.92
CA TYR B 183 -19.39 5.35 -13.04
C TYR B 183 -18.92 6.57 -13.81
N PRO B 184 -19.64 7.70 -13.67
CA PRO B 184 -19.37 8.90 -14.46
C PRO B 184 -18.01 9.55 -14.18
N LYS B 185 -17.54 9.56 -12.94
CA LYS B 185 -16.23 10.16 -12.67
C LYS B 185 -15.12 9.25 -13.19
N ILE B 186 -15.26 7.95 -12.97
CA ILE B 186 -14.27 7.01 -13.50
C ILE B 186 -14.26 7.14 -15.02
N THR B 187 -15.44 7.29 -15.62
CA THR B 187 -15.52 7.45 -17.07
C THR B 187 -14.80 8.71 -17.54
N THR B 188 -15.07 9.83 -16.89
CA THR B 188 -14.38 11.08 -17.19
C THR B 188 -12.87 10.95 -17.00
N PHE B 189 -12.48 10.31 -15.92
CA PHE B 189 -11.06 10.10 -15.60
C PHE B 189 -10.36 9.31 -16.69
N MET B 190 -10.96 8.20 -17.12
CA MET B 190 -10.35 7.39 -18.15
C MET B 190 -10.25 8.15 -19.46
N GLN B 191 -11.26 8.98 -19.75
CA GLN B 191 -11.24 9.76 -20.97
C GLN B 191 -10.09 10.78 -20.95
N GLN B 192 -9.90 11.46 -19.83
CA GLN B 192 -8.81 12.43 -19.72
C GLN B 192 -7.46 11.74 -19.84
N MET B 193 -7.33 10.56 -19.23
CA MET B 193 -6.05 9.85 -19.25
C MET B 193 -5.68 9.41 -20.67
N THR B 194 -6.66 8.91 -21.39
N THR B 194 -6.64 8.89 -21.43
CA THR B 194 -6.48 8.43 -22.75
CA THR B 194 -6.34 8.42 -22.78
C THR B 194 -5.95 9.54 -23.68
C THR B 194 -5.91 9.55 -23.70
N ALA B 195 -6.30 10.78 -23.36
CA ALA B 195 -5.90 11.93 -24.16
C ALA B 195 -4.47 12.41 -23.86
N ARG B 196 -3.87 11.91 -22.78
CA ARG B 196 -2.54 12.35 -22.39
C ARG B 196 -1.42 11.73 -23.22
N ALA B 197 -0.36 12.51 -23.42
CA ALA B 197 0.80 12.07 -24.20
C ALA B 197 1.42 10.81 -23.64
N SER B 198 1.46 10.72 -22.31
CA SER B 198 2.11 9.59 -21.65
C SER B 198 1.40 8.29 -21.96
N VAL B 199 0.07 8.32 -21.94
CA VAL B 199 -0.74 7.15 -22.23
C VAL B 199 -0.67 6.76 -23.72
N ALA B 200 -0.74 7.74 -24.60
CA ALA B 200 -0.55 7.51 -26.02
C ALA B 200 0.82 6.87 -26.30
N ALA B 201 1.82 7.31 -25.56
CA ALA B 201 3.19 6.82 -25.71
C ALA B 201 3.35 5.35 -25.32
N VAL B 202 2.82 4.97 -24.16
CA VAL B 202 2.90 3.57 -23.77
C VAL B 202 2.02 2.68 -24.66
N LYS B 203 0.95 3.25 -25.21
CA LYS B 203 0.18 2.50 -26.20
C LYS B 203 1.02 2.29 -27.46
N ASP B 204 1.72 3.33 -27.88
CA ASP B 204 2.59 3.24 -29.07
C ASP B 204 3.72 2.23 -28.90
N LYS B 205 4.07 1.93 -27.66
CA LYS B 205 5.14 0.99 -27.35
C LYS B 205 4.59 -0.40 -27.08
N GLY B 206 3.31 -0.60 -27.35
CA GLY B 206 2.69 -1.90 -27.19
C GLY B 206 2.50 -2.32 -25.75
N MET B 207 2.39 -1.35 -24.83
CA MET B 207 2.28 -1.68 -23.41
C MET B 207 0.84 -1.89 -22.99
N LEU B 208 -0.07 -1.33 -23.78
CA LEU B 208 -1.43 -1.83 -23.96
C LEU B 208 -2.23 -0.95 -24.91
#